data_8IA6
#
_entry.id   8IA6
#
_cell.length_a   66.890
_cell.length_b   53.880
_cell.length_c   169.326
_cell.angle_alpha   90.000
_cell.angle_beta   94.430
_cell.angle_gamma   90.000
#
_symmetry.space_group_name_H-M   'I 1 2 1'
#
loop_
_entity.id
_entity.type
_entity.pdbx_description
1 polymer 'scFv antibody'
2 non-polymer GLYCEROL
3 non-polymer DI(HYDROXYETHYL)ETHER
4 water water
#
_entity_poly.entity_id   1
_entity_poly.type   'polypeptide(L)'
_entity_poly.pdbx_seq_one_letter_code
;AEVQLLESGGGLVQPGGSLRLSCAASGFTFSSYAMSWVRQAPGKGLEWVSSISDNGQTTTYADSVKGRFTISRDNSKNTL
YLQMNSLRAEDTAVYYCAKTPYLFDYWGQGTLVTVSSGGGGSGGGGSGGGGSTDIQMTQSPSSLSASVGDRVTITCRASQ
SISSYLNWYQQKPGKAPKLLIYSASHLQSGVPSRFSGSGSGTDFTLTISSLQPEDFATYYCQQHRRPPPTFGQGTKVEIK
RAAALEHHHHHH
;
_entity_poly.pdbx_strand_id   A,B
#
loop_
_chem_comp.id
_chem_comp.type
_chem_comp.name
_chem_comp.formula
GOL non-polymer GLYCEROL 'C3 H8 O3'
PEG non-polymer DI(HYDROXYETHYL)ETHER 'C4 H10 O3'
#
# COMPACT_ATOMS: atom_id res chain seq x y z
N GLU A 2 21.51 6.24 5.53
CA GLU A 2 21.03 7.60 5.81
C GLU A 2 20.18 8.11 4.64
N VAL A 3 20.53 7.68 3.43
CA VAL A 3 19.77 8.05 2.24
C VAL A 3 18.37 7.43 2.34
N GLN A 4 17.34 8.26 2.19
CA GLN A 4 15.97 7.79 2.27
C GLN A 4 15.14 8.40 1.15
N LEU A 5 14.28 7.57 0.56
CA LEU A 5 13.34 7.96 -0.49
C LEU A 5 11.96 7.43 -0.07
N LEU A 6 11.21 8.24 0.66
CA LEU A 6 9.94 7.83 1.22
C LEU A 6 8.81 8.17 0.24
N GLU A 7 8.14 7.15 -0.27
CA GLU A 7 7.09 7.32 -1.27
C GLU A 7 5.70 7.26 -0.63
N SER A 8 4.77 8.03 -1.20
CA SER A 8 3.40 8.05 -0.72
C SER A 8 2.51 8.59 -1.83
N GLY A 9 1.20 8.36 -1.68
CA GLY A 9 0.19 8.90 -2.59
C GLY A 9 -0.58 7.83 -3.34
N GLY A 10 0.03 6.66 -3.54
CA GLY A 10 -0.62 5.59 -4.28
C GLY A 10 -1.92 5.11 -3.69
N GLY A 11 -2.62 4.22 -4.39
CA GLY A 11 -3.89 3.70 -3.89
C GLY A 11 -4.70 3.10 -5.01
N LEU A 12 -6.01 3.04 -4.78
CA LEU A 12 -6.98 2.41 -5.66
C LEU A 12 -7.85 3.48 -6.30
N VAL A 13 -8.05 3.37 -7.62
CA VAL A 13 -8.74 4.42 -8.37
C VAL A 13 -9.46 3.79 -9.56
N GLN A 14 -10.50 4.47 -10.03
CA GLN A 14 -11.24 4.07 -11.21
C GLN A 14 -10.60 4.65 -12.46
N PRO A 15 -10.82 4.04 -13.62
CA PRO A 15 -10.28 4.59 -14.86
C PRO A 15 -10.74 6.02 -15.08
N GLY A 16 -9.78 6.89 -15.40
CA GLY A 16 -10.04 8.31 -15.52
C GLY A 16 -9.74 9.11 -14.28
N GLY A 17 -9.47 8.45 -13.16
CA GLY A 17 -9.14 9.14 -11.94
C GLY A 17 -7.73 9.72 -11.97
N SER A 18 -7.38 10.39 -10.88
CA SER A 18 -6.08 11.04 -10.75
C SER A 18 -5.43 10.66 -9.43
N LEU A 19 -4.11 10.69 -9.42
CA LEU A 19 -3.30 10.41 -8.24
C LEU A 19 -2.07 11.30 -8.27
N ARG A 20 -1.49 11.51 -7.10
CA ARG A 20 -0.29 12.33 -6.96
C ARG A 20 0.70 11.57 -6.09
N LEU A 21 1.79 11.10 -6.70
CA LEU A 21 2.83 10.39 -5.96
C LEU A 21 3.89 11.39 -5.51
N SER A 22 4.30 11.27 -4.25
CA SER A 22 5.37 12.06 -3.66
C SER A 22 6.49 11.12 -3.24
N CYS A 23 7.73 11.57 -3.43
CA CYS A 23 8.93 10.84 -3.04
C CYS A 23 9.82 11.82 -2.28
N ALA A 24 9.68 11.85 -0.96
CA ALA A 24 10.49 12.74 -0.13
C ALA A 24 11.87 12.15 0.08
N ALA A 25 12.91 12.92 -0.23
CA ALA A 25 14.28 12.43 -0.17
C ALA A 25 15.03 13.07 0.99
N SER A 26 16.01 12.33 1.51
CA SER A 26 16.84 12.82 2.59
C SER A 26 18.15 12.06 2.59
N GLY A 27 19.13 12.62 3.30
CA GLY A 27 20.44 11.99 3.44
C GLY A 27 21.44 12.33 2.36
N PHE A 28 21.09 13.23 1.44
CA PHE A 28 21.99 13.66 0.39
C PHE A 28 21.47 14.96 -0.19
N THR A 29 22.31 15.60 -1.01
CA THR A 29 21.96 16.86 -1.66
C THR A 29 21.00 16.54 -2.82
N PHE A 30 19.70 16.67 -2.56
CA PHE A 30 18.69 16.23 -3.52
C PHE A 30 18.76 17.04 -4.82
N SER A 31 18.99 18.35 -4.72
CA SER A 31 19.01 19.16 -5.93
C SER A 31 20.28 18.98 -6.76
N SER A 32 21.21 18.13 -6.31
CA SER A 32 22.43 17.85 -7.07
C SER A 32 22.30 16.67 -8.02
N TYR A 33 21.13 16.02 -8.07
CA TYR A 33 20.98 14.81 -8.86
C TYR A 33 19.65 14.84 -9.62
N ALA A 34 19.65 14.20 -10.78
CA ALA A 34 18.41 13.95 -11.50
C ALA A 34 17.69 12.76 -10.88
N MET A 35 16.36 12.74 -11.05
CA MET A 35 15.53 11.69 -10.47
C MET A 35 14.66 11.07 -11.54
N SER A 36 14.11 9.89 -11.24
CA SER A 36 13.33 9.13 -12.21
C SER A 36 12.18 8.43 -11.51
N TRP A 37 11.11 8.17 -12.27
CA TRP A 37 10.03 7.31 -11.84
C TRP A 37 10.05 6.06 -12.72
N VAL A 38 10.04 4.89 -12.07
CA VAL A 38 10.05 3.59 -12.73
C VAL A 38 8.94 2.74 -12.13
N ARG A 39 8.11 2.14 -12.98
CA ARG A 39 7.01 1.33 -12.50
C ARG A 39 7.21 -0.14 -12.86
N GLN A 40 6.56 -0.99 -12.07
CA GLN A 40 6.61 -2.45 -12.23
C GLN A 40 5.19 -2.98 -12.17
N ALA A 41 4.69 -3.48 -13.30
CA ALA A 41 3.36 -4.06 -13.35
C ALA A 41 3.32 -5.33 -12.50
N PRO A 42 2.13 -5.71 -12.00
CA PRO A 42 2.04 -6.87 -11.11
C PRO A 42 2.54 -8.16 -11.74
N GLY A 43 3.67 -8.66 -11.24
CA GLY A 43 4.24 -9.89 -11.74
C GLY A 43 5.15 -9.75 -12.95
N LYS A 44 5.31 -8.54 -13.48
CA LYS A 44 6.11 -8.31 -14.68
C LYS A 44 7.41 -7.59 -14.31
N GLY A 45 8.15 -7.15 -15.34
CA GLY A 45 9.43 -6.51 -15.16
C GLY A 45 9.30 -5.01 -14.93
N LEU A 46 10.44 -4.33 -15.03
CA LEU A 46 10.53 -2.91 -14.73
C LEU A 46 10.36 -2.08 -15.99
N GLU A 47 9.75 -0.91 -15.83
CA GLU A 47 9.46 -0.02 -16.96
C GLU A 47 9.71 1.42 -16.53
N TRP A 48 10.64 2.08 -17.22
CA TRP A 48 10.95 3.49 -16.92
C TRP A 48 9.78 4.37 -17.30
N VAL A 49 9.27 5.12 -16.32
CA VAL A 49 8.12 6.00 -16.56
C VAL A 49 8.62 7.37 -17.03
N SER A 50 9.40 8.06 -16.19
CA SER A 50 9.80 9.41 -16.53
C SER A 50 11.07 9.78 -15.79
N SER A 51 11.58 10.98 -16.07
CA SER A 51 12.83 11.43 -15.49
C SER A 51 12.88 12.96 -15.54
N ILE A 52 13.47 13.55 -14.50
CA ILE A 52 13.62 15.00 -14.38
C ILE A 52 15.05 15.31 -13.97
N SER A 53 15.57 16.42 -14.50
CA SER A 53 16.95 16.81 -14.29
C SER A 53 17.13 17.36 -12.87
N ASP A 54 18.36 17.75 -12.55
CA ASP A 54 18.68 18.20 -11.20
C ASP A 54 17.95 19.49 -10.86
N ASN A 55 17.99 20.47 -11.76
CA ASN A 55 17.36 21.76 -11.51
C ASN A 55 15.87 21.77 -11.81
N GLY A 56 15.32 20.67 -12.32
CA GLY A 56 13.91 20.60 -12.62
C GLY A 56 13.49 21.22 -13.92
N GLN A 57 14.43 21.56 -14.80
CA GLN A 57 14.09 22.26 -16.04
C GLN A 57 13.66 21.28 -17.12
N THR A 58 14.46 20.24 -17.36
CA THR A 58 14.21 19.31 -18.47
C THR A 58 13.53 18.04 -17.94
N THR A 59 12.44 17.66 -18.59
CA THR A 59 11.67 16.48 -18.21
C THR A 59 11.51 15.57 -19.41
N THR A 60 11.69 14.28 -19.18
CA THR A 60 11.51 13.25 -20.21
C THR A 60 10.48 12.24 -19.74
N TYR A 61 9.73 11.71 -20.70
CA TYR A 61 8.65 10.78 -20.42
C TYR A 61 8.70 9.61 -21.40
N ALA A 62 8.11 8.49 -20.98
CA ALA A 62 7.92 7.38 -21.89
C ALA A 62 6.71 7.64 -22.79
N ASP A 63 6.64 6.90 -23.90
CA ASP A 63 5.59 7.15 -24.88
C ASP A 63 4.21 6.77 -24.35
N SER A 64 4.14 5.81 -23.43
CA SER A 64 2.84 5.35 -22.94
C SER A 64 2.19 6.32 -21.95
N VAL A 65 2.98 7.20 -21.32
CA VAL A 65 2.47 8.10 -20.30
C VAL A 65 2.51 9.56 -20.73
N LYS A 66 2.93 9.84 -21.96
CA LYS A 66 3.02 11.22 -22.43
C LYS A 66 1.64 11.87 -22.45
N GLY A 67 1.58 13.14 -22.08
CA GLY A 67 0.34 13.89 -22.05
C GLY A 67 -0.53 13.67 -20.84
N ARG A 68 -0.29 12.60 -20.07
CA ARG A 68 -1.08 12.30 -18.89
C ARG A 68 -0.29 12.35 -17.58
N PHE A 69 0.97 11.97 -17.61
CA PHE A 69 1.82 11.98 -16.42
C PHE A 69 2.75 13.19 -16.46
N THR A 70 3.03 13.74 -15.28
CA THR A 70 3.86 14.94 -15.19
C THR A 70 4.79 14.82 -13.99
N ILE A 71 6.10 14.90 -14.25
CA ILE A 71 7.12 14.87 -13.21
C ILE A 71 7.44 16.29 -12.76
N SER A 72 7.68 16.46 -11.46
CA SER A 72 8.04 17.75 -10.90
C SER A 72 8.89 17.54 -9.65
N ARG A 73 9.48 18.62 -9.15
CA ARG A 73 10.31 18.49 -7.96
C ARG A 73 10.38 19.80 -7.19
N ASP A 74 10.52 19.66 -5.87
CA ASP A 74 10.75 20.76 -4.96
C ASP A 74 12.15 20.59 -4.37
N ASN A 75 13.04 21.53 -4.67
CA ASN A 75 14.44 21.46 -4.26
C ASN A 75 14.70 22.03 -2.88
N SER A 76 13.76 22.79 -2.32
CA SER A 76 13.89 23.27 -0.95
C SER A 76 13.39 22.24 0.06
N LYS A 77 12.32 21.52 -0.29
CA LYS A 77 11.80 20.44 0.53
C LYS A 77 12.36 19.08 0.12
N ASN A 78 13.09 19.02 -1.00
CA ASN A 78 13.72 17.79 -1.47
C ASN A 78 12.70 16.68 -1.69
N THR A 79 11.77 16.94 -2.61
CA THR A 79 10.68 16.00 -2.87
C THR A 79 10.41 15.90 -4.36
N LEU A 80 10.26 14.66 -4.84
CA LEU A 80 9.84 14.39 -6.20
C LEU A 80 8.33 14.20 -6.26
N TYR A 81 7.75 14.51 -7.43
CA TYR A 81 6.30 14.45 -7.62
C TYR A 81 5.97 13.85 -8.98
N LEU A 82 4.97 12.99 -9.02
CA LEU A 82 4.42 12.46 -10.26
C LEU A 82 2.91 12.65 -10.23
N GLN A 83 2.39 13.51 -11.11
CA GLN A 83 0.96 13.70 -11.29
C GLN A 83 0.48 12.71 -12.35
N MET A 84 -0.56 11.94 -12.01
CA MET A 84 -1.08 10.88 -12.86
C MET A 84 -2.57 11.15 -13.10
N ASN A 85 -2.91 11.71 -14.24
CA ASN A 85 -4.30 11.91 -14.63
C ASN A 85 -4.67 10.93 -15.74
N SER A 86 -5.98 10.85 -16.01
CA SER A 86 -6.50 9.98 -17.07
C SER A 86 -5.92 8.57 -16.95
N LEU A 87 -6.04 8.01 -15.74
CA LEU A 87 -5.41 6.73 -15.45
C LEU A 87 -6.10 5.60 -16.19
N ARG A 88 -5.31 4.60 -16.57
CA ARG A 88 -5.80 3.41 -17.23
C ARG A 88 -5.44 2.18 -16.41
N ALA A 89 -6.15 1.08 -16.69
N ALA A 89 -6.15 1.08 -16.69
CA ALA A 89 -5.85 -0.17 -15.99
CA ALA A 89 -5.85 -0.17 -15.99
C ALA A 89 -4.44 -0.66 -16.29
C ALA A 89 -4.43 -0.65 -16.30
N GLU A 90 -3.88 -0.26 -17.44
CA GLU A 90 -2.51 -0.63 -17.78
C GLU A 90 -1.49 0.07 -16.89
N ASP A 91 -1.86 1.19 -16.28
CA ASP A 91 -0.98 1.91 -15.37
C ASP A 91 -0.89 1.24 -14.00
N THR A 92 -1.67 0.18 -13.75
CA THR A 92 -1.62 -0.54 -12.48
C THR A 92 -0.23 -1.12 -12.27
N ALA A 93 0.49 -0.60 -11.28
CA ALA A 93 1.88 -0.97 -11.06
C ALA A 93 2.35 -0.41 -9.74
N VAL A 94 3.47 -0.95 -9.26
CA VAL A 94 4.19 -0.37 -8.14
C VAL A 94 5.18 0.63 -8.69
N TYR A 95 5.12 1.87 -8.19
CA TYR A 95 5.93 2.96 -8.69
C TYR A 95 7.03 3.25 -7.68
N TYR A 96 8.27 3.23 -8.15
CA TYR A 96 9.44 3.59 -7.36
C TYR A 96 10.04 4.88 -7.92
N CYS A 97 10.61 5.68 -7.03
CA CYS A 97 11.47 6.78 -7.43
C CYS A 97 12.93 6.33 -7.32
N ALA A 98 13.75 6.75 -8.27
CA ALA A 98 15.13 6.33 -8.35
C ALA A 98 16.03 7.54 -8.54
N LYS A 99 17.22 7.45 -7.97
CA LYS A 99 18.19 8.54 -8.01
C LYS A 99 19.16 8.35 -9.17
N THR A 100 19.65 9.48 -9.70
CA THR A 100 20.66 9.58 -10.75
C THR A 100 20.08 9.17 -12.10
N PRO A 101 20.61 9.75 -13.21
CA PRO A 101 20.03 9.54 -14.55
C PRO A 101 19.77 8.08 -14.91
N TYR A 102 20.84 7.29 -15.06
CA TYR A 102 20.70 5.90 -15.47
C TYR A 102 21.33 4.91 -14.51
N LEU A 103 22.14 5.36 -13.55
CA LEU A 103 22.78 4.45 -12.61
C LEU A 103 21.76 3.79 -11.69
N PHE A 104 20.80 4.57 -11.17
CA PHE A 104 19.77 4.08 -10.26
C PHE A 104 20.41 3.45 -9.01
N ASP A 105 21.23 4.25 -8.34
CA ASP A 105 21.98 3.79 -7.18
C ASP A 105 21.11 3.68 -5.93
N TYR A 106 19.89 4.23 -5.95
CA TYR A 106 19.00 4.17 -4.80
C TYR A 106 17.56 4.17 -5.28
N TRP A 107 16.75 3.30 -4.68
CA TRP A 107 15.34 3.17 -5.03
C TRP A 107 14.49 3.25 -3.78
N GLY A 108 13.29 3.81 -3.92
CA GLY A 108 12.35 3.86 -2.82
C GLY A 108 11.49 2.60 -2.74
N GLN A 109 10.96 2.35 -1.53
CA GLN A 109 10.25 1.11 -1.28
C GLN A 109 9.06 0.89 -2.22
N GLY A 110 8.55 1.95 -2.83
CA GLY A 110 7.50 1.82 -3.82
C GLY A 110 6.12 2.12 -3.26
N THR A 111 5.23 2.54 -4.16
CA THR A 111 3.83 2.79 -3.82
C THR A 111 2.95 2.14 -4.88
N LEU A 112 1.89 1.47 -4.43
CA LEU A 112 1.08 0.64 -5.32
C LEU A 112 -0.08 1.45 -5.88
N VAL A 113 -0.23 1.43 -7.21
CA VAL A 113 -1.30 2.12 -7.90
C VAL A 113 -2.13 1.09 -8.64
N THR A 114 -3.42 1.00 -8.29
CA THR A 114 -4.31 0.01 -8.88
C THR A 114 -5.52 0.72 -9.48
N VAL A 115 -5.65 0.62 -10.80
CA VAL A 115 -6.72 1.27 -11.56
C VAL A 115 -7.69 0.20 -12.03
N SER A 116 -8.92 0.25 -11.53
CA SER A 116 -9.94 -0.73 -11.88
C SER A 116 -11.34 -0.14 -11.79
N THR A 133 11.26 -1.37 -31.50
CA THR A 133 11.47 0.07 -31.53
C THR A 133 12.58 0.47 -30.56
N ASP A 134 12.63 -0.21 -29.42
CA ASP A 134 13.67 -0.02 -28.42
C ASP A 134 14.55 -1.26 -28.36
N ILE A 135 15.55 -1.21 -27.49
CA ILE A 135 16.51 -2.30 -27.37
C ILE A 135 15.93 -3.38 -26.48
N GLN A 136 15.71 -4.56 -27.04
CA GLN A 136 15.19 -5.69 -26.26
C GLN A 136 16.28 -6.31 -25.39
N MET A 137 15.88 -6.79 -24.22
CA MET A 137 16.77 -7.41 -23.26
C MET A 137 16.20 -8.77 -22.87
N THR A 138 16.92 -9.83 -23.22
CA THR A 138 16.46 -11.20 -22.95
C THR A 138 17.39 -11.83 -21.91
N GLN A 139 16.80 -12.29 -20.81
CA GLN A 139 17.56 -12.88 -19.72
C GLN A 139 17.39 -14.40 -19.72
N SER A 140 18.49 -15.10 -19.44
CA SER A 140 18.56 -16.55 -19.46
C SER A 140 19.32 -17.03 -18.23
N PRO A 141 18.74 -17.92 -17.41
CA PRO A 141 17.39 -18.47 -17.56
C PRO A 141 16.32 -17.55 -16.96
N SER A 142 15.06 -17.84 -17.25
CA SER A 142 13.96 -17.11 -16.62
C SER A 142 13.92 -17.36 -15.12
N SER A 143 14.06 -18.62 -14.72
CA SER A 143 14.04 -18.98 -13.31
C SER A 143 14.99 -20.14 -13.09
N LEU A 144 15.38 -20.33 -11.83
CA LEU A 144 16.24 -21.43 -11.44
C LEU A 144 16.11 -21.65 -9.95
N SER A 145 16.26 -22.90 -9.53
CA SER A 145 16.21 -23.28 -8.13
C SER A 145 17.57 -23.85 -7.74
N ALA A 146 18.20 -23.23 -6.75
CA ALA A 146 19.52 -23.65 -6.28
C ALA A 146 19.51 -23.70 -4.75
N SER A 147 20.63 -24.13 -4.17
CA SER A 147 20.79 -24.20 -2.73
C SER A 147 21.94 -23.31 -2.30
N VAL A 148 22.11 -23.20 -0.98
CA VAL A 148 23.14 -22.34 -0.42
C VAL A 148 24.51 -22.80 -0.86
N GLY A 149 25.35 -21.84 -1.28
CA GLY A 149 26.68 -22.13 -1.75
C GLY A 149 26.77 -22.44 -3.23
N ASP A 150 25.65 -22.43 -3.95
CA ASP A 150 25.67 -22.71 -5.38
C ASP A 150 26.25 -21.54 -6.16
N ARG A 151 26.81 -21.85 -7.32
CA ARG A 151 27.26 -20.84 -8.27
C ARG A 151 26.15 -20.60 -9.29
N VAL A 152 25.73 -19.35 -9.42
CA VAL A 152 24.63 -18.99 -10.31
C VAL A 152 25.16 -18.05 -11.38
N THR A 153 24.75 -18.30 -12.63
CA THR A 153 25.24 -17.56 -13.79
C THR A 153 24.05 -17.15 -14.65
N ILE A 154 23.81 -15.85 -14.76
CA ILE A 154 22.69 -15.30 -15.51
C ILE A 154 23.24 -14.57 -16.72
N THR A 155 22.51 -14.62 -17.83
CA THR A 155 22.93 -14.04 -19.10
C THR A 155 21.89 -13.01 -19.55
N CYS A 156 22.37 -11.82 -19.90
CA CYS A 156 21.55 -10.77 -20.49
C CYS A 156 22.01 -10.58 -21.93
N ARG A 157 21.10 -10.77 -22.88
CA ARG A 157 21.38 -10.59 -24.29
C ARG A 157 20.66 -9.35 -24.79
N ALA A 158 21.39 -8.55 -25.58
CA ALA A 158 20.92 -7.27 -26.09
C ALA A 158 20.62 -7.38 -27.58
N SER A 159 19.54 -6.74 -28.02
CA SER A 159 19.20 -6.76 -29.44
C SER A 159 20.18 -5.96 -30.28
N GLN A 160 20.86 -4.99 -29.68
CA GLN A 160 21.89 -4.21 -30.35
C GLN A 160 23.10 -4.11 -29.45
N SER A 161 24.23 -3.67 -30.01
CA SER A 161 25.44 -3.46 -29.22
C SER A 161 25.23 -2.29 -28.27
N ILE A 162 25.38 -2.54 -26.97
CA ILE A 162 25.23 -1.50 -25.96
C ILE A 162 26.56 -1.17 -25.27
N SER A 163 27.66 -1.73 -25.76
CA SER A 163 29.00 -1.54 -25.18
C SER A 163 28.92 -1.91 -23.70
N SER A 164 29.44 -1.10 -22.79
CA SER A 164 29.42 -1.41 -21.36
C SER A 164 28.25 -0.75 -20.63
N TYR A 165 27.30 -0.17 -21.37
CA TYR A 165 26.15 0.51 -20.75
C TYR A 165 25.14 -0.56 -20.32
N LEU A 166 25.45 -1.20 -19.20
CA LEU A 166 24.65 -2.31 -18.71
C LEU A 166 24.74 -2.32 -17.19
N ASN A 167 23.60 -2.47 -16.53
CA ASN A 167 23.52 -2.50 -15.08
C ASN A 167 22.76 -3.73 -14.64
N TRP A 168 23.17 -4.30 -13.51
CA TRP A 168 22.51 -5.44 -12.89
C TRP A 168 21.92 -5.00 -11.56
N TYR A 169 20.62 -5.19 -11.40
CA TYR A 169 19.90 -4.87 -10.18
C TYR A 169 19.33 -6.15 -9.55
N GLN A 170 19.13 -6.10 -8.24
CA GLN A 170 18.58 -7.21 -7.47
C GLN A 170 17.28 -6.75 -6.79
N GLN A 171 16.26 -7.60 -6.81
CA GLN A 171 14.96 -7.27 -6.25
C GLN A 171 14.45 -8.45 -5.43
N LYS A 172 14.49 -8.32 -4.10
CA LYS A 172 13.89 -9.30 -3.23
C LYS A 172 12.38 -9.08 -3.18
N PRO A 173 11.61 -10.12 -2.86
CA PRO A 173 10.14 -10.01 -2.96
C PRO A 173 9.60 -8.90 -2.08
N GLY A 174 8.63 -8.15 -2.64
CA GLY A 174 7.96 -7.08 -1.91
C GLY A 174 8.87 -5.94 -1.49
N LYS A 175 10.08 -5.89 -2.03
CA LYS A 175 11.05 -4.87 -1.68
C LYS A 175 11.48 -4.11 -2.92
N ALA A 176 12.25 -3.04 -2.70
CA ALA A 176 12.69 -2.17 -3.77
C ALA A 176 13.92 -2.73 -4.47
N PRO A 177 14.09 -2.45 -5.76
CA PRO A 177 15.29 -2.90 -6.46
C PRO A 177 16.55 -2.26 -5.90
N LYS A 178 17.66 -2.93 -6.14
CA LYS A 178 18.95 -2.57 -5.57
C LYS A 178 20.01 -2.65 -6.65
N LEU A 179 20.78 -1.58 -6.82
CA LEU A 179 21.87 -1.60 -7.78
C LEU A 179 22.97 -2.53 -7.30
N LEU A 180 23.38 -3.46 -8.16
CA LEU A 180 24.39 -4.46 -7.84
C LEU A 180 25.66 -4.24 -8.65
N ILE A 181 25.53 -4.19 -9.98
CA ILE A 181 26.67 -4.02 -10.86
C ILE A 181 26.37 -2.86 -11.80
N TYR A 182 27.35 -1.99 -12.01
CA TYR A 182 27.23 -0.93 -13.01
C TYR A 182 28.37 -1.02 -14.00
N SER A 183 28.15 -0.43 -15.18
CA SER A 183 29.13 -0.43 -16.27
C SER A 183 29.55 -1.85 -16.62
N ALA A 184 28.57 -2.75 -16.66
CA ALA A 184 28.73 -4.15 -17.07
C ALA A 184 29.55 -4.97 -16.08
N SER A 185 30.61 -4.39 -15.52
CA SER A 185 31.52 -5.14 -14.66
C SER A 185 31.89 -4.44 -13.37
N HIS A 186 31.66 -3.14 -13.23
CA HIS A 186 32.04 -2.43 -12.02
C HIS A 186 31.07 -2.76 -10.89
N LEU A 187 31.62 -3.06 -9.71
CA LEU A 187 30.83 -3.46 -8.56
C LEU A 187 30.42 -2.22 -7.76
N GLN A 188 29.13 -2.11 -7.45
CA GLN A 188 28.63 -0.97 -6.70
C GLN A 188 29.17 -0.98 -5.28
N SER A 189 29.52 0.20 -4.78
CA SER A 189 30.10 0.33 -3.45
C SER A 189 29.16 -0.21 -2.38
N GLY A 190 29.66 -1.15 -1.58
CA GLY A 190 28.90 -1.74 -0.50
C GLY A 190 28.29 -3.10 -0.80
N VAL A 191 28.51 -3.64 -1.99
CA VAL A 191 27.93 -4.92 -2.40
C VAL A 191 28.96 -6.02 -2.21
N PRO A 192 28.58 -7.21 -1.74
CA PRO A 192 29.57 -8.28 -1.52
C PRO A 192 30.26 -8.71 -2.81
N SER A 193 31.48 -9.23 -2.65
CA SER A 193 32.35 -9.55 -3.78
C SER A 193 31.96 -10.84 -4.49
N ARG A 194 31.01 -11.61 -3.96
CA ARG A 194 30.52 -12.77 -4.68
C ARG A 194 29.70 -12.41 -5.91
N PHE A 195 29.54 -11.13 -6.21
CA PHE A 195 28.79 -10.68 -7.38
C PHE A 195 29.78 -10.18 -8.44
N SER A 196 29.66 -10.72 -9.66
CA SER A 196 30.53 -10.34 -10.75
C SER A 196 29.69 -10.02 -11.98
N GLY A 197 30.10 -8.99 -12.69
CA GLY A 197 29.52 -8.68 -13.99
C GLY A 197 30.60 -8.81 -15.06
N SER A 198 30.21 -9.36 -16.20
CA SER A 198 31.13 -9.45 -17.34
C SER A 198 30.32 -9.31 -18.62
N GLY A 199 31.01 -8.98 -19.70
CA GLY A 199 30.40 -8.77 -21.00
C GLY A 199 30.93 -7.51 -21.64
N SER A 200 30.79 -7.44 -22.97
CA SER A 200 31.37 -6.33 -23.72
C SER A 200 30.41 -5.75 -24.73
N GLY A 201 29.81 -6.61 -25.56
CA GLY A 201 29.01 -6.12 -26.68
C GLY A 201 27.52 -6.31 -26.53
N THR A 202 27.06 -7.55 -26.71
CA THR A 202 25.64 -7.87 -26.63
C THR A 202 25.31 -8.97 -25.64
N ASP A 203 26.30 -9.62 -25.05
CA ASP A 203 26.07 -10.69 -24.10
C ASP A 203 26.79 -10.38 -22.79
N PHE A 204 26.06 -10.41 -21.69
CA PHE A 204 26.58 -10.12 -20.37
C PHE A 204 26.21 -11.26 -19.43
N THR A 205 27.07 -11.50 -18.45
CA THR A 205 26.84 -12.54 -17.45
C THR A 205 27.03 -11.95 -16.06
N LEU A 206 26.03 -12.17 -15.21
CA LEU A 206 26.10 -11.89 -13.79
C LEU A 206 26.35 -13.19 -13.04
N THR A 207 27.38 -13.20 -12.20
CA THR A 207 27.84 -14.41 -11.53
C THR A 207 27.75 -14.22 -10.03
N ILE A 208 27.01 -15.10 -9.37
CA ILE A 208 26.99 -15.22 -7.92
C ILE A 208 27.83 -16.43 -7.57
N SER A 209 29.03 -16.20 -7.00
CA SER A 209 29.98 -17.29 -6.82
C SER A 209 29.48 -18.30 -5.78
N SER A 210 29.02 -17.82 -4.63
CA SER A 210 28.53 -18.68 -3.56
C SER A 210 27.18 -18.13 -3.09
N LEU A 211 26.11 -18.78 -3.52
CA LEU A 211 24.76 -18.32 -3.20
C LEU A 211 24.49 -18.44 -1.71
N GLN A 212 24.12 -17.33 -1.08
CA GLN A 212 23.75 -17.26 0.32
C GLN A 212 22.24 -17.09 0.47
N PRO A 213 21.68 -17.41 1.63
CA PRO A 213 20.20 -17.40 1.74
C PRO A 213 19.55 -16.07 1.42
N GLU A 214 20.27 -14.95 1.50
CA GLU A 214 19.68 -13.65 1.21
C GLU A 214 19.74 -13.28 -0.26
N ASP A 215 20.15 -14.20 -1.14
CA ASP A 215 20.26 -13.91 -2.57
C ASP A 215 19.05 -14.34 -3.36
N PHE A 216 18.08 -14.98 -2.72
CA PHE A 216 16.94 -15.55 -3.43
C PHE A 216 15.97 -14.43 -3.75
N ALA A 217 15.88 -14.10 -5.03
CA ALA A 217 15.36 -12.82 -5.47
C ALA A 217 15.37 -12.81 -7.00
N THR A 218 14.77 -11.79 -7.59
CA THR A 218 14.76 -11.66 -9.03
C THR A 218 15.82 -10.64 -9.45
N TYR A 219 16.70 -11.04 -10.37
CA TYR A 219 17.78 -10.20 -10.84
C TYR A 219 17.47 -9.69 -12.23
N TYR A 220 17.64 -8.39 -12.44
CA TYR A 220 17.31 -7.73 -13.69
C TYR A 220 18.57 -7.12 -14.31
N CYS A 221 18.59 -7.07 -15.64
CA CYS A 221 19.59 -6.32 -16.38
C CYS A 221 18.92 -5.15 -17.07
N GLN A 222 19.69 -4.07 -17.24
CA GLN A 222 19.16 -2.83 -17.81
C GLN A 222 20.22 -2.21 -18.71
N GLN A 223 19.79 -1.75 -19.89
CA GLN A 223 20.67 -1.02 -20.77
C GLN A 223 20.35 0.47 -20.72
N HIS A 224 21.39 1.28 -20.91
CA HIS A 224 21.21 2.72 -21.06
C HIS A 224 22.07 3.27 -22.19
N ARG A 225 22.47 2.41 -23.14
CA ARG A 225 23.21 2.88 -24.30
C ARG A 225 22.38 3.87 -25.12
N ARG A 226 21.10 3.55 -25.32
CA ARG A 226 20.17 4.39 -26.04
C ARG A 226 18.91 4.58 -25.20
N PRO A 227 18.29 5.75 -25.27
CA PRO A 227 17.04 5.97 -24.53
C PRO A 227 15.85 5.55 -25.35
N PRO A 228 14.76 5.08 -24.71
CA PRO A 228 14.61 4.94 -23.27
C PRO A 228 15.29 3.68 -22.72
N PRO A 229 15.66 3.70 -21.44
CA PRO A 229 16.30 2.52 -20.85
C PRO A 229 15.32 1.36 -20.81
N THR A 230 15.80 0.19 -21.21
CA THR A 230 15.00 -1.02 -21.19
C THR A 230 15.59 -2.02 -20.21
N PHE A 231 14.72 -2.68 -19.47
CA PHE A 231 15.13 -3.69 -18.51
C PHE A 231 14.92 -5.08 -19.09
N GLY A 232 15.53 -6.06 -18.44
CA GLY A 232 15.34 -7.44 -18.85
C GLY A 232 14.07 -8.03 -18.29
N GLN A 233 13.72 -9.21 -18.82
CA GLN A 233 12.53 -9.91 -18.35
C GLN A 233 12.65 -10.33 -16.89
N GLY A 234 13.86 -10.46 -16.38
CA GLY A 234 14.08 -10.89 -15.02
C GLY A 234 14.62 -12.31 -14.96
N THR A 235 15.21 -12.63 -13.82
CA THR A 235 15.72 -13.98 -13.55
C THR A 235 15.45 -14.27 -12.09
N LYS A 236 14.46 -15.13 -11.82
CA LYS A 236 14.03 -15.41 -10.46
C LYS A 236 14.87 -16.54 -9.89
N VAL A 237 15.69 -16.23 -8.89
CA VAL A 237 16.52 -17.21 -8.21
C VAL A 237 15.72 -17.61 -6.97
N GLU A 238 15.05 -18.76 -7.06
CA GLU A 238 14.19 -19.29 -6.02
C GLU A 238 14.91 -20.35 -5.20
N ILE A 239 14.23 -20.83 -4.15
CA ILE A 239 14.71 -21.98 -3.36
C ILE A 239 13.91 -23.24 -3.67
N GLU B 2 -23.22 -2.75 -6.00
CA GLU B 2 -21.95 -2.27 -6.56
C GLU B 2 -21.50 -0.96 -5.91
N VAL B 3 -21.59 -0.87 -4.59
CA VAL B 3 -21.06 0.29 -3.89
C VAL B 3 -19.57 0.08 -3.68
N GLN B 4 -18.79 1.14 -3.88
CA GLN B 4 -17.35 1.07 -3.80
C GLN B 4 -16.82 2.28 -3.04
N LEU B 5 -15.82 2.04 -2.21
CA LEU B 5 -15.12 3.07 -1.44
C LEU B 5 -13.63 2.87 -1.72
N LEU B 6 -13.11 3.59 -2.71
CA LEU B 6 -11.76 3.39 -3.20
C LEU B 6 -10.84 4.43 -2.55
N GLU B 7 -9.92 3.96 -1.71
CA GLU B 7 -9.04 4.84 -0.96
C GLU B 7 -7.67 4.96 -1.61
N SER B 8 -7.04 6.11 -1.39
CA SER B 8 -5.73 6.40 -1.95
C SER B 8 -5.10 7.55 -1.18
N GLY B 9 -3.79 7.71 -1.34
CA GLY B 9 -3.05 8.79 -0.74
C GLY B 9 -2.08 8.37 0.33
N GLY B 10 -2.29 7.21 0.95
CA GLY B 10 -1.42 6.77 2.03
C GLY B 10 -0.03 6.41 1.57
N GLY B 11 0.85 6.23 2.54
CA GLY B 11 2.24 5.87 2.23
C GLY B 11 3.14 6.07 3.43
N LEU B 12 4.41 6.34 3.14
CA LEU B 12 5.46 6.46 4.15
C LEU B 12 5.84 7.92 4.30
N VAL B 13 5.96 8.39 5.55
CA VAL B 13 6.29 9.78 5.79
C VAL B 13 7.07 9.90 7.10
N GLN B 14 7.87 10.96 7.19
CA GLN B 14 8.63 11.26 8.40
C GLN B 14 7.75 11.97 9.42
N PRO B 15 8.14 11.96 10.70
CA PRO B 15 7.35 12.67 11.70
C PRO B 15 7.26 14.15 11.38
N GLY B 16 6.04 14.68 11.42
CA GLY B 16 5.78 16.04 11.01
C GLY B 16 5.41 16.19 9.55
N GLY B 17 5.32 15.09 8.81
CA GLY B 17 4.92 15.14 7.42
C GLY B 17 3.42 15.28 7.25
N SER B 18 3.01 15.38 5.99
CA SER B 18 1.61 15.57 5.65
C SER B 18 1.18 14.55 4.60
N LEU B 19 -0.08 14.15 4.69
CA LEU B 19 -0.68 13.26 3.70
C LEU B 19 -2.12 13.68 3.48
N ARG B 20 -2.67 13.30 2.34
CA ARG B 20 -4.07 13.54 2.02
C ARG B 20 -4.68 12.22 1.54
N LEU B 21 -5.67 11.73 2.29
CA LEU B 21 -6.36 10.50 1.95
C LEU B 21 -7.67 10.83 1.24
N SER B 22 -7.91 10.16 0.11
CA SER B 22 -9.13 10.29 -0.65
C SER B 22 -9.86 8.96 -0.67
N CYS B 23 -11.18 9.02 -0.53
CA CYS B 23 -12.06 7.86 -0.62
C CYS B 23 -13.13 8.19 -1.65
N ALA B 24 -12.98 7.65 -2.86
CA ALA B 24 -13.95 7.84 -3.92
C ALA B 24 -15.11 6.86 -3.72
N ALA B 25 -16.31 7.40 -3.56
CA ALA B 25 -17.50 6.59 -3.33
C ALA B 25 -18.31 6.47 -4.62
N SER B 26 -18.87 5.28 -4.86
CA SER B 26 -19.73 5.06 -6.01
C SER B 26 -20.73 3.97 -5.69
N GLY B 27 -21.76 3.87 -6.54
CA GLY B 27 -22.78 2.86 -6.36
C GLY B 27 -23.92 3.27 -5.44
N PHE B 28 -23.89 4.48 -4.87
CA PHE B 28 -24.98 4.98 -4.04
C PHE B 28 -24.94 6.49 -4.09
N THR B 29 -26.00 7.12 -3.57
CA THR B 29 -26.07 8.57 -3.47
C THR B 29 -25.19 9.00 -2.29
N PHE B 30 -23.97 9.44 -2.61
CA PHE B 30 -22.99 9.78 -1.58
C PHE B 30 -23.46 10.95 -0.72
N SER B 31 -24.26 11.85 -1.28
CA SER B 31 -24.73 13.01 -0.54
C SER B 31 -25.81 12.70 0.48
N SER B 32 -26.42 11.52 0.42
CA SER B 32 -27.49 11.18 1.36
C SER B 32 -26.97 10.62 2.67
N TYR B 33 -25.70 10.26 2.75
CA TYR B 33 -25.17 9.59 3.92
C TYR B 33 -23.96 10.33 4.47
N ALA B 34 -23.83 10.29 5.79
CA ALA B 34 -22.64 10.80 6.44
C ALA B 34 -21.51 9.79 6.30
N MET B 35 -20.28 10.29 6.38
CA MET B 35 -19.10 9.45 6.17
C MET B 35 -18.19 9.51 7.38
N SER B 36 -17.31 8.52 7.50
CA SER B 36 -16.46 8.39 8.68
C SER B 36 -15.08 7.88 8.28
N TRP B 37 -14.07 8.23 9.07
CA TRP B 37 -12.72 7.68 8.94
C TRP B 37 -12.39 6.95 10.24
N VAL B 38 -11.91 5.71 10.11
CA VAL B 38 -11.55 4.88 11.26
C VAL B 38 -10.28 4.13 10.92
N ARG B 39 -9.36 4.02 11.88
CA ARG B 39 -8.05 3.44 11.61
C ARG B 39 -7.81 2.21 12.47
N GLN B 40 -6.78 1.46 12.07
CA GLN B 40 -6.37 0.22 12.71
C GLN B 40 -4.84 0.19 12.75
N ALA B 41 -4.28 0.31 13.94
CA ALA B 41 -2.82 0.27 14.05
C ALA B 41 -2.33 -1.18 13.90
N PRO B 42 -1.09 -1.37 13.45
CA PRO B 42 -0.62 -2.74 13.15
C PRO B 42 -0.69 -3.64 14.38
N GLY B 43 -1.43 -4.74 14.22
CA GLY B 43 -1.61 -5.71 15.30
C GLY B 43 -2.57 -5.28 16.39
N LYS B 44 -3.23 -4.14 16.25
CA LYS B 44 -4.13 -3.60 17.26
C LYS B 44 -5.55 -3.48 16.69
N GLY B 45 -6.46 -2.98 17.51
CA GLY B 45 -7.87 -2.95 17.18
C GLY B 45 -8.27 -1.73 16.38
N LEU B 46 -9.58 -1.50 16.33
CA LEU B 46 -10.16 -0.40 15.56
C LEU B 46 -10.31 0.84 16.43
N GLU B 47 -10.13 2.00 15.82
CA GLU B 47 -10.26 3.28 16.51
C GLU B 47 -10.88 4.29 15.57
N TRP B 48 -12.08 4.76 15.91
CA TRP B 48 -12.74 5.79 15.10
C TRP B 48 -11.92 7.07 15.11
N VAL B 49 -11.70 7.64 13.92
CA VAL B 49 -10.86 8.82 13.78
C VAL B 49 -11.72 10.07 13.69
N SER B 50 -12.64 10.10 12.72
CA SER B 50 -13.40 11.32 12.49
C SER B 50 -14.71 10.99 11.80
N SER B 51 -15.64 11.95 11.83
CA SER B 51 -16.94 11.80 11.20
C SER B 51 -17.37 13.13 10.58
N ILE B 52 -18.00 13.04 9.42
CA ILE B 52 -18.52 14.22 8.72
C ILE B 52 -19.94 13.93 8.26
N SER B 53 -20.79 14.95 8.29
CA SER B 53 -22.18 14.78 7.94
C SER B 53 -22.36 14.82 6.42
N ASP B 54 -23.60 14.56 5.99
CA ASP B 54 -23.90 14.44 4.57
C ASP B 54 -23.59 15.73 3.82
N ASN B 55 -23.88 16.88 4.42
CA ASN B 55 -23.68 18.18 3.79
C ASN B 55 -22.32 18.78 4.11
N GLY B 56 -21.45 18.03 4.78
CA GLY B 56 -20.10 18.51 5.02
C GLY B 56 -19.97 19.66 5.99
N GLN B 57 -20.97 19.89 6.83
CA GLN B 57 -20.98 21.01 7.75
C GLN B 57 -20.50 20.64 9.15
N THR B 58 -20.95 19.50 9.68
CA THR B 58 -20.59 19.07 11.02
C THR B 58 -19.43 18.07 10.94
N THR B 59 -18.30 18.42 11.54
CA THR B 59 -17.13 17.56 11.57
C THR B 59 -16.76 17.28 13.02
N THR B 60 -16.62 16.00 13.35
CA THR B 60 -16.24 15.55 14.68
C THR B 60 -14.93 14.77 14.59
N TYR B 61 -14.11 14.90 15.62
CA TYR B 61 -12.78 14.32 15.63
C TYR B 61 -12.50 13.64 16.96
N ALA B 62 -11.54 12.72 16.94
CA ALA B 62 -11.06 12.09 18.16
C ALA B 62 -10.08 13.01 18.88
N ASP B 63 -9.96 12.80 20.19
CA ASP B 63 -9.13 13.69 21.00
C ASP B 63 -7.66 13.65 20.59
N SER B 64 -7.20 12.50 20.09
CA SER B 64 -5.80 12.39 19.70
C SER B 64 -5.50 13.12 18.40
N VAL B 65 -6.47 13.18 17.48
CA VAL B 65 -6.24 13.75 16.16
C VAL B 65 -6.74 15.19 16.04
N LYS B 66 -7.38 15.72 17.08
CA LYS B 66 -7.90 17.08 17.02
C LYS B 66 -6.78 18.09 16.77
N GLY B 67 -7.05 19.04 15.89
CA GLY B 67 -6.08 20.08 15.55
C GLY B 67 -5.06 19.70 14.51
N ARG B 68 -5.03 18.44 14.06
CA ARG B 68 -4.09 18.00 13.04
C ARG B 68 -4.79 17.34 11.85
N PHE B 69 -5.86 16.61 12.09
CA PHE B 69 -6.60 15.92 11.03
C PHE B 69 -7.83 16.73 10.66
N THR B 70 -8.11 16.81 9.36
CA THR B 70 -9.27 17.54 8.86
C THR B 70 -10.04 16.65 7.89
N ILE B 71 -11.33 16.45 8.17
CA ILE B 71 -12.20 15.67 7.30
C ILE B 71 -12.98 16.61 6.41
N SER B 72 -13.13 16.25 5.14
CA SER B 72 -13.91 17.07 4.21
C SER B 72 -14.55 16.16 3.18
N ARG B 73 -15.39 16.75 2.32
CA ARG B 73 -16.06 15.93 1.32
C ARG B 73 -16.48 16.78 0.14
N ASP B 74 -16.50 16.14 -1.03
CA ASP B 74 -16.98 16.73 -2.27
C ASP B 74 -18.20 15.91 -2.70
N ASN B 75 -19.38 16.54 -2.64
CA ASN B 75 -20.63 15.86 -2.95
C ASN B 75 -20.93 15.83 -4.45
N SER B 76 -20.29 16.69 -5.24
CA SER B 76 -20.41 16.58 -6.69
C SER B 76 -19.43 15.55 -7.24
N LYS B 77 -18.26 15.41 -6.61
CA LYS B 77 -17.30 14.39 -6.97
C LYS B 77 -17.53 13.08 -6.22
N ASN B 78 -18.30 13.12 -5.13
CA ASN B 78 -18.57 11.95 -4.29
C ASN B 78 -17.28 11.38 -3.73
N THR B 79 -16.51 12.22 -3.05
CA THR B 79 -15.23 11.78 -2.48
C THR B 79 -15.04 12.36 -1.10
N LEU B 80 -14.62 11.52 -0.17
CA LEU B 80 -14.28 11.91 1.19
C LEU B 80 -12.78 12.14 1.30
N TYR B 81 -12.39 13.06 2.19
CA TYR B 81 -11.00 13.47 2.32
C TYR B 81 -10.60 13.53 3.78
N LEU B 82 -9.36 13.14 4.05
CA LEU B 82 -8.76 13.25 5.37
C LEU B 82 -7.36 13.85 5.18
N GLN B 83 -7.19 15.10 5.58
CA GLN B 83 -5.93 15.81 5.48
C GLN B 83 -5.21 15.69 6.82
N MET B 84 -4.05 15.02 6.82
CA MET B 84 -3.32 14.70 8.04
C MET B 84 -2.00 15.46 8.03
N ASN B 85 -1.87 16.43 8.93
CA ASN B 85 -0.66 17.21 9.11
C ASN B 85 -0.01 16.87 10.44
N SER B 86 1.27 17.23 10.57
CA SER B 86 2.03 17.04 11.80
C SER B 86 1.92 15.59 12.29
N LEU B 87 2.17 14.65 11.38
CA LEU B 87 1.95 13.25 11.67
C LEU B 87 2.91 12.73 12.72
N ARG B 88 2.42 11.82 13.55
CA ARG B 88 3.18 11.22 14.63
C ARG B 88 3.30 9.72 14.39
N ALA B 89 4.30 9.12 15.06
CA ALA B 89 4.48 7.68 14.94
C ALA B 89 3.24 6.90 15.35
N GLU B 90 2.49 7.43 16.33
CA GLU B 90 1.23 6.81 16.75
C GLU B 90 0.14 6.93 15.69
N ASP B 91 0.36 7.68 14.63
CA ASP B 91 -0.60 7.72 13.52
C ASP B 91 -0.39 6.59 12.53
N THR B 92 0.69 5.82 12.66
CA THR B 92 0.94 4.67 11.80
C THR B 92 -0.22 3.68 11.93
N ALA B 93 -1.05 3.58 10.89
CA ALA B 93 -2.22 2.73 10.92
C ALA B 93 -2.76 2.59 9.51
N VAL B 94 -3.61 1.58 9.33
CA VAL B 94 -4.39 1.44 8.10
C VAL B 94 -5.68 2.21 8.29
N TYR B 95 -5.95 3.16 7.40
CA TYR B 95 -7.12 4.02 7.50
C TYR B 95 -8.18 3.54 6.53
N TYR B 96 -9.42 3.43 7.02
CA TYR B 96 -10.57 3.04 6.24
C TYR B 96 -11.61 4.15 6.26
N CYS B 97 -12.23 4.40 5.12
CA CYS B 97 -13.46 5.19 5.08
C CYS B 97 -14.64 4.25 5.28
N ALA B 98 -15.68 4.76 5.94
CA ALA B 98 -16.82 3.95 6.36
C ALA B 98 -18.10 4.73 6.16
N LYS B 99 -19.07 4.10 5.50
CA LYS B 99 -20.35 4.74 5.22
C LYS B 99 -21.29 4.59 6.41
N THR B 100 -22.10 5.62 6.65
CA THR B 100 -23.08 5.69 7.73
C THR B 100 -22.43 5.51 9.09
N PRO B 101 -22.07 6.61 9.77
CA PRO B 101 -21.45 6.49 11.09
C PRO B 101 -22.32 5.72 12.07
N TYR B 102 -21.64 5.14 13.06
CA TYR B 102 -22.21 4.26 14.10
C TYR B 102 -22.59 2.89 13.51
N LEU B 103 -23.25 2.87 12.36
CA LEU B 103 -23.66 1.59 11.78
C LEU B 103 -22.53 0.94 10.99
N PHE B 104 -21.95 1.65 10.03
CA PHE B 104 -20.82 1.19 9.24
C PHE B 104 -21.18 -0.06 8.42
N ASP B 105 -22.17 0.12 7.54
CA ASP B 105 -22.64 -0.95 6.67
C ASP B 105 -21.69 -1.23 5.51
N TYR B 106 -20.75 -0.33 5.23
CA TYR B 106 -19.82 -0.51 4.13
C TYR B 106 -18.49 0.12 4.50
N TRP B 107 -17.40 -0.51 4.05
CA TRP B 107 -16.06 -0.06 4.39
C TRP B 107 -15.19 -0.07 3.15
N GLY B 108 -14.10 0.67 3.20
CA GLY B 108 -13.10 0.68 2.14
C GLY B 108 -11.95 -0.22 2.50
N GLN B 109 -11.29 -0.77 1.47
CA GLN B 109 -10.23 -1.75 1.70
C GLN B 109 -9.14 -1.21 2.62
N GLY B 110 -8.90 0.09 2.59
CA GLY B 110 -7.97 0.73 3.49
C GLY B 110 -6.69 1.14 2.80
N THR B 111 -6.06 2.18 3.33
CA THR B 111 -4.76 2.64 2.84
C THR B 111 -3.83 2.83 4.02
N LEU B 112 -2.57 2.41 3.86
CA LEU B 112 -1.64 2.31 4.97
C LEU B 112 -0.81 3.60 5.11
N VAL B 113 -0.77 4.13 6.33
CA VAL B 113 0.02 5.32 6.66
C VAL B 113 1.08 4.89 7.67
N THR B 114 2.34 4.92 7.25
CA THR B 114 3.46 4.59 8.12
C THR B 114 4.27 5.85 8.37
N VAL B 115 4.43 6.20 9.65
CA VAL B 115 5.14 7.40 10.08
C VAL B 115 6.40 6.94 10.80
N SER B 116 7.56 7.20 10.20
CA SER B 116 8.82 6.70 10.73
C SER B 116 9.98 7.47 10.12
N SER B 117 11.11 7.45 10.82
CA SER B 117 12.33 8.10 10.38
C SER B 117 13.40 7.08 10.05
N ASP B 134 -14.61 7.46 27.90
CA ASP B 134 -14.97 6.51 26.85
C ASP B 134 -15.48 5.20 27.45
N ILE B 135 -16.45 4.59 26.78
CA ILE B 135 -17.03 3.33 27.22
C ILE B 135 -16.08 2.20 26.85
N GLN B 136 -15.64 1.44 27.85
CA GLN B 136 -14.74 0.31 27.60
C GLN B 136 -15.53 -0.92 27.19
N MET B 137 -14.98 -1.68 26.26
CA MET B 137 -15.65 -2.84 25.70
C MET B 137 -14.66 -4.00 25.72
N THR B 138 -15.01 -5.06 26.46
CA THR B 138 -14.13 -6.18 26.71
C THR B 138 -14.65 -7.42 26.00
N GLN B 139 -13.80 -8.04 25.19
CA GLN B 139 -14.16 -9.23 24.43
C GLN B 139 -13.49 -10.46 25.01
N SER B 140 -14.23 -11.58 24.99
CA SER B 140 -13.74 -12.85 25.49
C SER B 140 -14.25 -13.95 24.58
N PRO B 141 -13.38 -14.87 24.13
CA PRO B 141 -11.95 -14.91 24.38
C PRO B 141 -11.17 -13.95 23.49
N SER B 142 -9.91 -13.70 23.81
CA SER B 142 -9.07 -12.88 22.95
C SER B 142 -8.78 -13.58 21.62
N SER B 143 -8.71 -14.91 21.64
CA SER B 143 -8.47 -15.69 20.43
C SER B 143 -8.82 -17.14 20.73
N LEU B 144 -9.05 -17.90 19.66
CA LEU B 144 -9.33 -19.32 19.79
C LEU B 144 -9.05 -19.98 18.45
N SER B 145 -8.82 -21.29 18.50
CA SER B 145 -8.62 -22.10 17.31
C SER B 145 -9.59 -23.26 17.35
N ALA B 146 -10.46 -23.34 16.34
CA ALA B 146 -11.49 -24.37 16.27
C ALA B 146 -11.46 -25.01 14.89
N SER B 147 -12.33 -26.00 14.69
CA SER B 147 -12.43 -26.71 13.43
C SER B 147 -13.73 -26.34 12.72
N VAL B 148 -13.80 -26.72 11.44
CA VAL B 148 -14.97 -26.41 10.63
C VAL B 148 -16.20 -27.12 11.19
N GLY B 149 -17.32 -26.40 11.23
CA GLY B 149 -18.55 -26.93 11.77
C GLY B 149 -18.73 -26.73 13.25
N ASP B 150 -17.69 -26.27 13.95
CA ASP B 150 -17.77 -26.06 15.39
C ASP B 150 -18.71 -24.89 15.71
N ARG B 151 -19.20 -24.89 16.93
CA ARG B 151 -20.02 -23.80 17.44
C ARG B 151 -19.14 -22.88 18.27
N VAL B 152 -19.05 -21.62 17.87
CA VAL B 152 -18.15 -20.65 18.51
C VAL B 152 -19.00 -19.53 19.10
N THR B 153 -18.61 -19.08 20.29
CA THR B 153 -19.38 -18.06 21.01
C THR B 153 -18.43 -17.05 21.64
N ILE B 154 -18.59 -15.79 21.30
CA ILE B 154 -17.76 -14.70 21.80
C ILE B 154 -18.66 -13.76 22.60
N THR B 155 -18.16 -13.31 23.74
CA THR B 155 -18.89 -12.37 24.59
C THR B 155 -18.22 -11.01 24.53
N CYS B 156 -19.04 -9.97 24.56
CA CYS B 156 -18.57 -8.60 24.68
C CYS B 156 -19.35 -7.96 25.82
N ARG B 157 -18.62 -7.35 26.75
CA ARG B 157 -19.18 -6.70 27.91
C ARG B 157 -18.83 -5.22 27.89
N ALA B 158 -19.81 -4.38 28.19
CA ALA B 158 -19.64 -2.94 28.19
C ALA B 158 -19.51 -2.41 29.61
N SER B 159 -18.65 -1.42 29.79
CA SER B 159 -18.48 -0.82 31.11
C SER B 159 -19.72 -0.03 31.54
N GLN B 160 -20.51 0.44 30.58
CA GLN B 160 -21.73 1.17 30.85
C GLN B 160 -22.90 0.49 30.13
N SER B 161 -24.09 0.69 30.67
CA SER B 161 -25.29 0.21 29.98
C SER B 161 -25.44 0.90 28.64
N ILE B 162 -25.35 0.13 27.57
CA ILE B 162 -25.48 0.65 26.20
C ILE B 162 -26.76 0.18 25.54
N SER B 163 -27.67 -0.42 26.31
CA SER B 163 -28.95 -0.92 25.79
C SER B 163 -28.74 -1.84 24.61
N SER B 164 -29.33 -1.50 23.46
CA SER B 164 -29.25 -2.32 22.26
C SER B 164 -28.28 -1.75 21.22
N TYR B 165 -27.51 -0.72 21.59
CA TYR B 165 -26.64 -0.02 20.64
C TYR B 165 -25.28 -0.70 20.58
N LEU B 166 -25.25 -1.85 19.89
CA LEU B 166 -24.03 -2.62 19.76
C LEU B 166 -24.01 -3.28 18.38
N ASN B 167 -22.81 -3.31 17.78
CA ASN B 167 -22.61 -3.86 16.45
C ASN B 167 -21.47 -4.87 16.48
N TRP B 168 -21.58 -5.90 15.65
CA TRP B 168 -20.55 -6.90 15.46
C TRP B 168 -20.02 -6.82 14.03
N TYR B 169 -18.70 -6.74 13.91
CA TYR B 169 -17.99 -6.70 12.64
C TYR B 169 -17.03 -7.87 12.51
N GLN B 170 -16.77 -8.26 11.26
CA GLN B 170 -15.79 -9.29 10.92
C GLN B 170 -14.69 -8.67 10.06
N GLN B 171 -13.44 -9.05 10.34
CA GLN B 171 -12.29 -8.52 9.61
C GLN B 171 -11.33 -9.64 9.31
N LYS B 172 -11.21 -10.00 8.04
CA LYS B 172 -10.27 -11.00 7.57
C LYS B 172 -8.89 -10.38 7.42
N PRO B 173 -7.83 -11.20 7.44
CA PRO B 173 -6.47 -10.65 7.30
C PRO B 173 -6.31 -9.86 6.01
N GLY B 174 -5.84 -8.62 6.15
CA GLY B 174 -5.57 -7.78 5.01
C GLY B 174 -6.79 -7.33 4.22
N LYS B 175 -7.97 -7.33 4.84
CA LYS B 175 -9.20 -6.94 4.16
C LYS B 175 -9.94 -5.91 4.99
N ALA B 176 -10.98 -5.33 4.39
CA ALA B 176 -11.82 -4.36 5.06
C ALA B 176 -12.79 -5.08 6.01
N PRO B 177 -13.16 -4.42 7.11
CA PRO B 177 -14.16 -5.03 8.01
C PRO B 177 -15.52 -5.14 7.35
N LYS B 178 -16.27 -6.15 7.78
CA LYS B 178 -17.65 -6.38 7.34
C LYS B 178 -18.59 -6.26 8.53
N LEU B 179 -19.71 -5.57 8.33
CA LEU B 179 -20.71 -5.47 9.38
C LEU B 179 -21.52 -6.75 9.42
N LEU B 180 -21.49 -7.45 10.56
CA LEU B 180 -22.24 -8.68 10.74
C LEU B 180 -23.59 -8.44 11.41
N ILE B 181 -23.58 -7.85 12.60
CA ILE B 181 -24.79 -7.72 13.41
C ILE B 181 -24.96 -6.26 13.80
N TYR B 182 -26.18 -5.75 13.68
CA TYR B 182 -26.49 -4.39 14.09
C TYR B 182 -27.63 -4.41 15.10
N SER B 183 -27.62 -3.41 15.99
CA SER B 183 -28.61 -3.27 17.06
C SER B 183 -28.69 -4.55 17.89
N ALA B 184 -27.52 -5.00 18.35
CA ALA B 184 -27.36 -6.13 19.27
C ALA B 184 -27.72 -7.48 18.64
N SER B 185 -28.90 -7.60 18.03
CA SER B 185 -29.42 -8.90 17.64
C SER B 185 -29.78 -9.04 16.17
N HIS B 186 -29.81 -7.96 15.41
CA HIS B 186 -30.33 -8.02 14.05
C HIS B 186 -29.22 -8.32 13.04
N LEU B 187 -29.61 -9.02 11.98
CA LEU B 187 -28.67 -9.63 11.05
C LEU B 187 -28.57 -8.76 9.80
N GLN B 188 -27.35 -8.26 9.53
CA GLN B 188 -27.14 -7.40 8.38
C GLN B 188 -27.40 -8.16 7.08
N SER B 189 -28.04 -7.49 6.13
CA SER B 189 -28.43 -8.14 4.88
C SER B 189 -27.22 -8.69 4.15
N GLY B 190 -27.40 -9.86 3.54
CA GLY B 190 -26.32 -10.55 2.87
C GLY B 190 -25.47 -11.44 3.73
N VAL B 191 -25.59 -11.34 5.06
CA VAL B 191 -24.74 -12.11 5.96
C VAL B 191 -25.45 -13.41 6.31
N PRO B 192 -24.75 -14.54 6.31
CA PRO B 192 -25.41 -15.84 6.54
C PRO B 192 -26.08 -15.94 7.90
N SER B 193 -27.17 -16.70 7.95
CA SER B 193 -28.00 -16.82 9.15
C SER B 193 -27.38 -17.67 10.24
N ARG B 194 -26.21 -18.28 9.99
CA ARG B 194 -25.52 -19.00 11.04
C ARG B 194 -24.81 -18.07 12.02
N PHE B 195 -24.77 -16.78 11.73
CA PHE B 195 -24.30 -15.75 12.65
C PHE B 195 -25.48 -15.21 13.44
N SER B 196 -25.33 -15.06 14.75
CA SER B 196 -26.42 -14.57 15.56
C SER B 196 -25.91 -13.75 16.73
N GLY B 197 -26.58 -12.64 17.00
CA GLY B 197 -26.26 -11.79 18.13
C GLY B 197 -27.38 -11.80 19.15
N SER B 198 -27.01 -11.73 20.43
CA SER B 198 -28.02 -11.65 21.47
C SER B 198 -27.45 -10.88 22.65
N GLY B 199 -28.34 -10.31 23.47
CA GLY B 199 -27.93 -9.63 24.68
C GLY B 199 -28.50 -8.24 24.78
N SER B 200 -28.18 -7.60 25.89
CA SER B 200 -28.76 -6.30 26.21
C SER B 200 -27.97 -5.67 27.36
N GLY B 201 -28.26 -4.39 27.61
CA GLY B 201 -27.65 -3.64 28.69
C GLY B 201 -26.14 -3.65 28.67
N THR B 202 -25.55 -4.70 29.22
CA THR B 202 -24.10 -4.80 29.34
C THR B 202 -23.52 -6.08 28.75
N ASP B 203 -24.32 -7.10 28.46
CA ASP B 203 -23.81 -8.39 28.04
C ASP B 203 -24.31 -8.71 26.64
N PHE B 204 -23.38 -9.08 25.75
CA PHE B 204 -23.73 -9.42 24.38
C PHE B 204 -22.91 -10.62 23.95
N THR B 205 -23.52 -11.50 23.16
CA THR B 205 -22.85 -12.67 22.62
C THR B 205 -23.06 -12.73 21.12
N LEU B 206 -21.98 -13.02 20.40
CA LEU B 206 -22.00 -13.33 18.98
C LEU B 206 -21.70 -14.82 18.82
N THR B 207 -22.59 -15.53 18.15
CA THR B 207 -22.49 -16.99 18.02
C THR B 207 -22.44 -17.37 16.55
N ILE B 208 -21.46 -18.19 16.21
CA ILE B 208 -21.39 -18.88 14.93
C ILE B 208 -21.82 -20.30 15.19
N SER B 209 -22.95 -20.71 14.59
CA SER B 209 -23.52 -22.02 14.87
C SER B 209 -22.63 -23.14 14.35
N SER B 210 -22.13 -23.00 13.12
CA SER B 210 -21.23 -23.98 12.53
C SER B 210 -20.13 -23.24 11.78
N LEU B 211 -18.89 -23.37 12.27
CA LEU B 211 -17.78 -22.66 11.68
C LEU B 211 -17.52 -23.12 10.26
N GLN B 212 -17.26 -22.17 9.37
CA GLN B 212 -17.02 -22.43 7.96
C GLN B 212 -15.61 -21.99 7.59
N PRO B 213 -15.03 -22.57 6.53
CA PRO B 213 -13.65 -22.23 6.16
C PRO B 213 -13.40 -20.73 5.97
N GLU B 214 -14.41 -19.98 5.54
CA GLU B 214 -14.25 -18.55 5.31
C GLU B 214 -14.63 -17.72 6.52
N ASP B 215 -14.99 -18.34 7.64
CA ASP B 215 -15.39 -17.60 8.84
C ASP B 215 -14.23 -17.30 9.77
N PHE B 216 -13.00 -17.53 9.33
CA PHE B 216 -11.83 -17.46 10.19
C PHE B 216 -11.20 -16.08 10.05
N ALA B 217 -11.45 -15.22 11.03
CA ALA B 217 -11.05 -13.82 10.98
C ALA B 217 -11.09 -13.27 12.40
N THR B 218 -11.02 -11.96 12.54
CA THR B 218 -11.11 -11.29 13.84
C THR B 218 -12.44 -10.56 13.93
N TYR B 219 -13.16 -10.77 15.03
CA TYR B 219 -14.50 -10.22 15.22
C TYR B 219 -14.46 -9.14 16.29
N TYR B 220 -15.06 -7.99 15.98
CA TYR B 220 -15.05 -6.83 16.86
C TYR B 220 -16.46 -6.46 17.26
N CYS B 221 -16.62 -6.03 18.51
CA CYS B 221 -17.85 -5.40 18.96
C CYS B 221 -17.65 -3.90 19.03
N GLN B 222 -18.76 -3.17 18.92
CA GLN B 222 -18.74 -1.72 18.88
C GLN B 222 -19.96 -1.18 19.60
N GLN B 223 -19.75 -0.26 20.53
CA GLN B 223 -20.85 0.45 21.17
C GLN B 223 -21.01 1.82 20.51
N HIS B 224 -22.25 2.23 20.30
CA HIS B 224 -22.55 3.54 19.72
C HIS B 224 -23.67 4.25 20.48
N ARG B 225 -23.99 3.78 21.70
CA ARG B 225 -24.97 4.48 22.50
C ARG B 225 -24.44 5.83 22.97
N ARG B 226 -23.13 5.94 23.13
CA ARG B 226 -22.46 7.11 23.67
C ARG B 226 -21.23 7.43 22.83
N PRO B 227 -21.00 8.70 22.52
CA PRO B 227 -19.82 9.06 21.72
C PRO B 227 -18.63 9.38 22.61
N PRO B 228 -17.41 9.07 22.17
CA PRO B 228 -17.08 8.47 20.87
C PRO B 228 -17.32 6.96 20.80
N PRO B 229 -17.68 6.45 19.62
CA PRO B 229 -17.88 5.01 19.47
C PRO B 229 -16.58 4.26 19.71
N THR B 230 -16.62 3.36 20.69
CA THR B 230 -15.45 2.57 21.07
C THR B 230 -15.65 1.13 20.64
N PHE B 231 -14.56 0.51 20.19
CA PHE B 231 -14.57 -0.86 19.71
C PHE B 231 -13.98 -1.79 20.76
N GLY B 232 -14.29 -3.08 20.62
CA GLY B 232 -13.61 -4.09 21.40
C GLY B 232 -12.20 -4.33 20.87
N GLN B 233 -11.45 -5.15 21.60
CA GLN B 233 -10.10 -5.47 21.19
C GLN B 233 -10.04 -6.64 20.22
N GLY B 234 -11.13 -7.36 20.04
CA GLY B 234 -11.22 -8.36 19.02
C GLY B 234 -11.23 -9.78 19.59
N THR B 235 -11.64 -10.72 18.75
CA THR B 235 -11.52 -12.14 19.04
C THR B 235 -11.07 -12.82 17.75
N LYS B 236 -9.80 -13.20 17.70
CA LYS B 236 -9.18 -13.77 16.51
C LYS B 236 -9.51 -15.26 16.46
N VAL B 237 -10.32 -15.66 15.50
CA VAL B 237 -10.74 -17.05 15.35
C VAL B 237 -9.78 -17.68 14.33
N GLU B 238 -8.83 -18.47 14.81
CA GLU B 238 -7.77 -19.03 13.98
C GLU B 238 -8.11 -20.47 13.56
N ILE B 239 -7.09 -21.19 13.07
CA ILE B 239 -7.20 -22.59 12.68
C ILE B 239 -6.05 -23.36 13.32
C1 GOL C . -4.26 14.63 -4.61
O1 GOL C . -4.79 13.95 -3.52
C2 GOL C . -4.90 14.01 -5.87
O2 GOL C . -6.24 13.73 -5.70
C3 GOL C . -4.65 15.05 -6.99
O3 GOL C . -4.92 14.44 -8.21
C1 GOL D . 25.89 9.93 -9.48
O1 GOL D . 26.09 9.74 -8.12
C2 GOL D . 27.14 10.66 -10.04
O2 GOL D . 27.30 11.95 -9.51
C3 GOL D . 26.96 10.66 -11.57
O3 GOL D . 25.62 10.98 -11.83
C1 GOL E . 28.04 18.76 -8.70
O1 GOL E . 28.35 17.41 -8.57
C2 GOL E . 27.23 19.16 -7.46
O2 GOL E . 28.04 19.49 -6.37
C3 GOL E . 26.34 20.35 -7.93
O3 GOL E . 25.62 19.90 -9.04
C1 GOL F . 33.12 -8.72 2.05
O1 GOL F . 32.45 -9.88 1.68
C2 GOL F . 34.48 -9.18 2.64
O2 GOL F . 35.13 -8.15 3.33
C3 GOL F . 35.30 -9.67 1.41
O3 GOL F . 34.49 -10.60 0.74
C1 GOL G . 0.32 17.06 1.19
O1 GOL G . -0.85 17.13 1.94
C2 GOL G . 0.31 15.65 0.53
O2 GOL G . 1.60 15.15 0.34
C3 GOL G . -0.43 15.84 -0.82
O3 GOL G . 0.51 16.26 -1.75
C1 PEG H . 6.81 -21.27 -8.88
O1 PEG H . 6.37 -21.34 -7.56
C2 PEG H . 5.75 -20.58 -9.73
O2 PEG H . 6.14 -20.61 -11.07
C3 PEG H . 5.55 -19.61 -11.86
C4 PEG H . 6.54 -18.47 -12.07
O4 PEG H . 6.06 -17.62 -13.06
C1 GOL I . 2.78 -8.27 11.66
O1 GOL I . 2.94 -8.71 10.35
C2 GOL I . 2.64 -6.73 11.60
O2 GOL I . 1.51 -6.31 10.92
C3 GOL I . 2.67 -6.26 13.09
O3 GOL I . 1.48 -6.75 13.67
C1 PEG J . 4.14 -5.09 -0.74
O1 PEG J . 4.99 -3.97 -0.76
C2 PEG J . 3.55 -5.25 0.66
O2 PEG J . 2.79 -4.12 0.98
C3 PEG J . 2.77 -3.83 2.35
C4 PEG J . 1.71 -2.76 2.65
O4 PEG J . 2.21 -1.50 2.32
C1 PEG K . -2.27 -5.81 1.64
O1 PEG K . -1.06 -5.10 1.79
C2 PEG K . -3.17 -5.54 2.85
O2 PEG K . -3.46 -4.17 2.92
C3 PEG K . -4.38 -3.83 3.91
C4 PEG K . -4.34 -2.31 4.13
O4 PEG K . -4.36 -1.66 2.90
#